data_6G4J
#
_entry.id   6G4J
#
_cell.length_a   67.690
_cell.length_b   122.870
_cell.length_c   50.570
_cell.angle_alpha   90.000
_cell.angle_beta   90.000
_cell.angle_gamma   90.000
#
_symmetry.space_group_name_H-M   'P 21 21 2'
#
loop_
_entity.id
_entity.type
_entity.pdbx_description
1 polymer 'Probable serine/threonine-protein kinase YabT'
2 polymer 'alphaREP bE8'
3 water water
#
loop_
_entity_poly.entity_id
_entity_poly.type
_entity_poly.pdbx_seq_one_letter_code
_entity_poly.pdbx_strand_id
1 'polypeptide(L)'
;MMNDALTSLACSLKPGTTIKGKWNGNTYTLRKQLGKGANGIVYLAETSDGHVALKVSDDSLSITSEVNVLKSFSKAQSVT
MGPSFFDTDDAYIPSANTKVSFYAMEYIKGPLLLKYVSDKGAEWIPVLMIQLLSSLSVLHQQGWIFGDLKPDNLIVTGPP
ARIRCIDVGGTTKEGRAIKEYTEFYDRGYWGYGTRKAEPSYDLFAVAMIMINSVHKKEFKKTNQPKEQLRSLIEGNPLLQ
KYKKALFSALNGDYQSADEMKKDMLDAGQKAAQRKQPIKASPQPATRQRQQKPRQGKITKTRYTPKQKPAKSGGL
;
A
2 'polypeptide(L)'
;MRGSHHHHHHTDPEKVEMYIKNLQDDSAVVRDYAAAALGKIGDERAVEPLIKALKDEDEYVRQSAAWALGEIGDERAVEP
LIKALKDEDPSVRLTAAEALGQIGGERVRAAMEKLAETGTGFARKVAVNYLETHKSLISGGGGSGGGG
;
B
#
# COMPACT_ATOMS: atom_id res chain seq x y z
N MET A 1 4.72 15.74 -19.58
CA MET A 1 5.37 16.97 -20.00
C MET A 1 6.86 16.96 -19.63
N MET A 2 7.68 16.34 -20.46
CA MET A 2 9.11 16.62 -20.40
C MET A 2 9.67 16.80 -21.81
N ASN A 3 9.44 15.82 -22.69
CA ASN A 3 9.87 15.97 -24.07
C ASN A 3 8.80 16.66 -24.89
N ASP A 4 9.07 16.88 -26.18
CA ASP A 4 8.11 17.54 -27.06
C ASP A 4 6.89 16.67 -27.32
N ALA A 5 7.13 15.37 -27.43
CA ALA A 5 6.06 14.42 -27.72
C ALA A 5 5.01 14.41 -26.62
N LEU A 6 5.46 14.22 -25.38
CA LEU A 6 4.54 14.08 -24.25
C LEU A 6 3.82 15.40 -23.97
N THR A 7 4.53 16.51 -24.13
CA THR A 7 3.91 17.81 -23.88
C THR A 7 2.84 18.09 -24.95
N SER A 8 3.15 17.74 -26.20
CA SER A 8 2.19 17.86 -27.29
C SER A 8 1.00 16.93 -27.07
N LEU A 9 1.28 15.74 -26.54
CA LEU A 9 0.24 14.80 -26.17
C LEU A 9 -0.69 15.39 -25.13
N ALA A 10 -0.09 15.96 -24.09
CA ALA A 10 -0.82 16.57 -22.99
C ALA A 10 -1.77 17.66 -23.47
N CYS A 11 -1.29 18.50 -24.37
CA CYS A 11 -2.11 19.57 -24.92
C CYS A 11 -3.17 18.99 -25.86
N SER A 12 -2.83 17.87 -26.50
CA SER A 12 -3.74 17.24 -27.45
C SER A 12 -4.93 16.54 -26.79
N LEU A 13 -4.64 15.72 -25.78
CA LEU A 13 -5.68 14.91 -25.15
C LEU A 13 -6.57 15.72 -24.21
N LYS A 14 -7.86 15.76 -24.53
CA LYS A 14 -8.82 16.55 -23.76
C LYS A 14 -9.90 15.65 -23.17
N PRO A 15 -10.57 16.11 -22.10
CA PRO A 15 -11.77 15.41 -21.68
C PRO A 15 -12.73 15.26 -22.85
N GLY A 16 -13.29 14.07 -23.02
CA GLY A 16 -14.12 13.79 -24.17
C GLY A 16 -13.36 13.07 -25.27
N THR A 17 -12.04 13.22 -25.30
CA THR A 17 -11.23 12.50 -26.27
C THR A 17 -11.41 11.00 -26.10
N THR A 18 -11.54 10.29 -27.21
CA THR A 18 -11.61 8.85 -27.18
C THR A 18 -10.33 8.28 -27.74
N ILE A 19 -9.85 7.22 -27.10
CA ILE A 19 -8.68 6.50 -27.57
C ILE A 19 -9.10 5.07 -27.78
N LYS A 20 -8.91 4.55 -28.99
CA LYS A 20 -9.24 3.16 -29.27
C LYS A 20 -7.97 2.37 -29.52
N GLY A 21 -7.86 1.23 -28.85
CA GLY A 21 -6.70 0.38 -28.98
C GLY A 21 -6.62 -0.25 -30.37
N LYS A 22 -5.45 -0.17 -30.97
CA LYS A 22 -5.18 -0.73 -32.29
C LYS A 22 -5.39 -2.23 -32.39
N TRP A 23 -4.85 -2.97 -31.42
CA TRP A 23 -4.83 -4.42 -31.47
C TRP A 23 -6.04 -5.10 -30.84
N ASN A 24 -6.58 -4.52 -29.77
CA ASN A 24 -7.65 -5.19 -29.01
C ASN A 24 -8.98 -4.48 -29.19
N GLY A 25 -8.93 -3.22 -29.59
CA GLY A 25 -10.12 -2.50 -30.00
C GLY A 25 -10.96 -1.91 -28.88
N ASN A 26 -10.40 -1.84 -27.68
CA ASN A 26 -11.15 -1.20 -26.59
C ASN A 26 -11.12 0.31 -26.69
N THR A 27 -12.26 0.92 -26.37
CA THR A 27 -12.36 2.38 -26.42
C THR A 27 -12.36 2.98 -25.02
N TYR A 28 -11.53 4.00 -24.84
CA TYR A 28 -11.40 4.70 -23.58
C TYR A 28 -11.76 6.16 -23.80
N THR A 29 -12.71 6.66 -23.03
CA THR A 29 -13.05 8.08 -23.11
C THR A 29 -12.48 8.82 -21.92
N LEU A 30 -11.57 9.75 -22.20
CA LEU A 30 -10.88 10.49 -21.16
C LEU A 30 -11.86 11.41 -20.42
N ARG A 31 -11.78 11.39 -19.09
CA ARG A 31 -12.68 12.22 -18.28
C ARG A 31 -11.94 13.37 -17.63
N LYS A 32 -10.79 13.08 -17.02
CA LYS A 32 -9.95 14.14 -16.47
C LYS A 32 -8.53 13.65 -16.27
N GLN A 33 -7.57 14.58 -16.33
CA GLN A 33 -6.18 14.24 -16.11
C GLN A 33 -5.94 14.01 -14.62
N LEU A 34 -5.28 12.90 -14.30
CA LEU A 34 -4.93 12.59 -12.92
C LEU A 34 -3.48 12.96 -12.60
N GLY A 35 -2.62 12.93 -13.60
CA GLY A 35 -1.19 13.05 -13.36
C GLY A 35 -0.36 13.15 -14.63
N LYS A 36 0.85 13.68 -14.49
CA LYS A 36 1.67 14.11 -15.60
C LYS A 36 3.14 13.98 -15.23
N GLY A 37 3.94 13.37 -16.10
CA GLY A 37 5.34 13.16 -15.78
C GLY A 37 6.18 12.70 -16.96
N ALA A 38 7.44 12.39 -16.69
CA ALA A 38 8.37 11.96 -17.72
C ALA A 38 7.94 10.63 -18.35
N ASN A 39 7.36 9.76 -17.53
CA ASN A 39 6.93 8.44 -17.97
C ASN A 39 5.57 8.40 -18.67
N GLY A 40 4.87 9.53 -18.72
CA GLY A 40 3.58 9.56 -19.38
C GLY A 40 2.51 10.39 -18.68
N ILE A 41 1.33 10.42 -19.26
CA ILE A 41 0.20 11.15 -18.71
C ILE A 41 -0.88 10.17 -18.25
N VAL A 42 -1.44 10.41 -17.06
CA VAL A 42 -2.45 9.51 -16.53
C VAL A 42 -3.82 10.18 -16.48
N TYR A 43 -4.82 9.50 -17.04
CA TYR A 43 -6.19 10.00 -17.06
C TYR A 43 -7.16 9.09 -16.32
N LEU A 44 -8.20 9.68 -15.75
CA LEU A 44 -9.40 8.92 -15.44
C LEU A 44 -10.12 8.73 -16.75
N ALA A 45 -10.43 7.49 -17.11
CA ALA A 45 -11.08 7.22 -18.38
C ALA A 45 -12.26 6.30 -18.19
N GLU A 46 -13.27 6.48 -19.03
CA GLU A 46 -14.46 5.65 -18.94
C GLU A 46 -14.45 4.62 -20.03
N THR A 47 -14.87 3.40 -19.66
CA THR A 47 -15.05 2.30 -20.59
C THR A 47 -16.52 1.91 -20.59
N SER A 48 -16.88 0.90 -21.37
CA SER A 48 -18.24 0.40 -21.33
C SER A 48 -18.51 -0.34 -20.02
N ASP A 49 -17.45 -0.76 -19.34
CA ASP A 49 -17.58 -1.54 -18.11
C ASP A 49 -17.23 -0.76 -16.84
N GLY A 50 -17.14 0.56 -16.95
CA GLY A 50 -16.83 1.38 -15.79
C GLY A 50 -15.66 2.33 -16.01
N HIS A 51 -14.90 2.59 -14.95
CA HIS A 51 -13.80 3.55 -15.05
C HIS A 51 -12.45 2.89 -14.80
N VAL A 52 -11.42 3.46 -15.40
CA VAL A 52 -10.06 2.97 -15.23
C VAL A 52 -9.12 4.15 -15.13
N ALA A 53 -7.91 3.91 -14.64
CA ALA A 53 -6.84 4.88 -14.83
C ALA A 53 -6.06 4.46 -16.06
N LEU A 54 -5.88 5.41 -16.97
CA LEU A 54 -5.23 5.16 -18.26
C LEU A 54 -3.92 5.94 -18.35
N LYS A 55 -2.80 5.24 -18.53
CA LYS A 55 -1.51 5.91 -18.68
C LYS A 55 -1.10 5.88 -20.13
N VAL A 56 -0.75 7.04 -20.69
CA VAL A 56 -0.46 7.18 -22.12
C VAL A 56 0.95 7.76 -22.27
N SER A 57 1.73 7.19 -23.20
CA SER A 57 3.06 7.71 -23.51
C SER A 57 3.40 7.52 -24.97
N ASP A 58 4.36 8.29 -25.45
CA ASP A 58 4.92 8.04 -26.77
C ASP A 58 5.98 6.93 -26.69
N ASP A 59 6.38 6.58 -25.47
CA ASP A 59 7.45 5.61 -25.28
C ASP A 59 6.90 4.21 -25.00
N SER A 60 6.80 3.39 -26.05
CA SER A 60 6.28 2.03 -25.93
CA SER A 60 6.27 2.04 -25.94
C SER A 60 7.11 1.18 -24.99
N LEU A 61 8.41 1.43 -24.95
CA LEU A 61 9.27 0.64 -24.08
C LEU A 61 8.92 0.82 -22.62
N SER A 62 8.68 2.06 -22.20
CA SER A 62 8.39 2.29 -20.78
CA SER A 62 8.35 2.37 -20.80
C SER A 62 6.98 1.81 -20.44
N ILE A 63 6.05 1.93 -21.38
CA ILE A 63 4.70 1.39 -21.18
C ILE A 63 4.77 -0.12 -20.99
N THR A 64 5.52 -0.81 -21.85
CA THR A 64 5.64 -2.26 -21.71
C THR A 64 6.27 -2.67 -20.39
N SER A 65 7.31 -1.93 -19.99
CA SER A 65 7.96 -2.16 -18.72
C SER A 65 6.96 -2.08 -17.55
N GLU A 66 6.19 -0.99 -17.52
CA GLU A 66 5.23 -0.79 -16.45
C GLU A 66 4.13 -1.86 -16.44
N VAL A 67 3.69 -2.25 -17.62
CA VAL A 67 2.73 -3.35 -17.73
C VAL A 67 3.29 -4.61 -17.11
N ASN A 68 4.55 -4.92 -17.40
CA ASN A 68 5.12 -6.14 -16.84
C ASN A 68 5.31 -6.05 -15.33
N VAL A 69 5.56 -4.85 -14.82
CA VAL A 69 5.59 -4.66 -13.38
C VAL A 69 4.22 -4.95 -12.73
N LEU A 70 3.15 -4.43 -13.32
CA LEU A 70 1.83 -4.68 -12.79
C LEU A 70 1.49 -6.17 -12.87
N LYS A 71 1.87 -6.80 -13.97
CA LYS A 71 1.65 -8.24 -14.12
C LYS A 71 2.43 -9.02 -13.06
N SER A 72 3.61 -8.52 -12.70
CA SER A 72 4.41 -9.17 -11.67
C SER A 72 3.71 -9.12 -10.32
N PHE A 73 3.13 -7.96 -9.97
CA PHE A 73 2.34 -7.83 -8.77
C PHE A 73 1.20 -8.83 -8.77
N SER A 74 0.53 -8.95 -9.92
CA SER A 74 -0.71 -9.73 -10.00
C SER A 74 -0.43 -11.23 -9.84
N LYS A 75 0.83 -11.63 -9.96
CA LYS A 75 1.18 -13.04 -9.81
C LYS A 75 1.38 -13.45 -8.35
N ALA A 76 1.39 -12.47 -7.45
CA ALA A 76 1.59 -12.75 -6.03
C ALA A 76 0.46 -13.63 -5.48
N GLN A 77 0.80 -14.43 -4.47
CA GLN A 77 -0.17 -15.31 -3.80
C GLN A 77 -0.98 -14.57 -2.76
N SER A 78 -0.78 -13.26 -2.66
CA SER A 78 -1.47 -12.46 -1.67
C SER A 78 -1.78 -11.10 -2.27
N VAL A 79 -2.49 -10.25 -1.55
CA VAL A 79 -2.75 -8.93 -2.11
C VAL A 79 -1.45 -8.12 -2.04
N THR A 80 -1.35 -7.13 -2.92
CA THR A 80 -0.20 -6.25 -2.94
C THR A 80 -0.69 -4.82 -3.10
N MET A 81 0.24 -3.89 -3.01
CA MET A 81 -0.06 -2.48 -3.14
C MET A 81 -0.37 -2.03 -4.58
N GLY A 82 -0.05 -2.86 -5.57
CA GLY A 82 -0.14 -2.40 -6.95
C GLY A 82 -1.58 -2.37 -7.44
N PRO A 83 -1.88 -1.47 -8.39
CA PRO A 83 -3.23 -1.52 -8.96
C PRO A 83 -3.36 -2.73 -9.88
N SER A 84 -4.57 -3.25 -10.01
CA SER A 84 -4.85 -4.33 -10.96
C SER A 84 -4.57 -3.86 -12.37
N PHE A 85 -4.12 -4.77 -13.22
CA PHE A 85 -3.88 -4.48 -14.63
C PHE A 85 -5.06 -4.93 -15.48
N PHE A 86 -5.48 -4.11 -16.43
CA PHE A 86 -6.63 -4.45 -17.29
C PHE A 86 -6.30 -4.65 -18.78
N ASP A 87 -5.49 -3.76 -19.35
CA ASP A 87 -5.30 -3.77 -20.80
C ASP A 87 -4.10 -2.91 -21.17
N THR A 88 -3.50 -3.21 -22.31
CA THR A 88 -2.49 -2.34 -22.87
C THR A 88 -2.59 -2.45 -24.38
N ASP A 89 -2.28 -1.36 -25.08
CA ASP A 89 -2.48 -1.32 -26.54
C ASP A 89 -1.72 -0.14 -27.11
N ASP A 90 -1.67 -0.07 -28.44
CA ASP A 90 -1.16 1.11 -29.14
C ASP A 90 -2.32 1.91 -29.69
N ALA A 91 -2.07 3.15 -30.06
CA ALA A 91 -3.09 3.94 -30.73
C ALA A 91 -2.41 5.04 -31.53
N TYR A 92 -3.11 5.56 -32.52
CA TYR A 92 -2.61 6.73 -33.23
C TYR A 92 -3.42 7.94 -32.82
N ILE A 93 -2.72 8.99 -32.41
CA ILE A 93 -3.36 10.25 -32.06
C ILE A 93 -3.12 11.26 -33.18
N PRO A 94 -4.13 11.47 -34.02
CA PRO A 94 -4.02 12.33 -35.21
C PRO A 94 -3.63 13.76 -34.85
N SER A 95 -4.24 14.30 -33.80
CA SER A 95 -4.01 15.68 -33.39
C SER A 95 -2.56 15.91 -32.93
N ALA A 96 -2.02 14.95 -32.19
CA ALA A 96 -0.66 15.06 -31.69
C ALA A 96 0.35 14.48 -32.70
N ASN A 97 -0.18 14.02 -33.83
CA ASN A 97 0.61 13.49 -34.94
C ASN A 97 1.57 12.39 -34.52
N THR A 98 1.15 11.57 -33.56
CA THR A 98 2.05 10.55 -33.04
C THR A 98 1.34 9.24 -32.69
N LYS A 99 2.07 8.16 -32.87
CA LYS A 99 1.69 6.86 -32.32
C LYS A 99 1.93 6.93 -30.82
N VAL A 100 1.04 6.31 -30.04
CA VAL A 100 1.22 6.24 -28.60
C VAL A 100 0.99 4.82 -28.16
N SER A 101 1.42 4.52 -26.94
CA SER A 101 1.08 3.27 -26.30
CA SER A 101 1.10 3.26 -26.29
C SER A 101 0.45 3.59 -24.96
N PHE A 102 -0.42 2.73 -24.49
CA PHE A 102 -1.08 3.02 -23.22
C PHE A 102 -1.35 1.76 -22.42
N TYR A 103 -1.64 1.93 -21.14
CA TYR A 103 -2.25 0.83 -20.42
C TYR A 103 -3.34 1.33 -19.48
N ALA A 104 -4.28 0.43 -19.25
CA ALA A 104 -5.39 0.66 -18.33
C ALA A 104 -5.20 -0.15 -17.06
N MET A 105 -5.40 0.50 -15.93
CA MET A 105 -5.24 -0.16 -14.63
C MET A 105 -6.36 0.28 -13.70
N GLU A 106 -6.44 -0.37 -12.56
CA GLU A 106 -7.41 -0.03 -11.52
C GLU A 106 -7.33 1.44 -11.14
N TYR A 107 -8.49 2.12 -11.14
CA TYR A 107 -8.56 3.47 -10.63
C TYR A 107 -8.74 3.38 -9.12
N ILE A 108 -7.78 3.87 -8.37
CA ILE A 108 -7.90 3.83 -6.93
C ILE A 108 -7.80 5.24 -6.36
N LYS A 109 -8.63 5.54 -5.37
CA LYS A 109 -8.52 6.84 -4.75
C LYS A 109 -8.47 6.68 -3.25
N GLY A 110 -7.82 7.63 -2.62
CA GLY A 110 -7.65 7.59 -1.18
C GLY A 110 -6.66 8.68 -0.85
N PRO A 111 -6.52 8.97 0.45
CA PRO A 111 -5.59 10.00 0.92
C PRO A 111 -4.16 9.58 0.69
N LEU A 112 -3.29 10.53 0.37
CA LEU A 112 -1.85 10.26 0.38
C LEU A 112 -1.45 9.71 1.74
N LEU A 113 -0.40 8.90 1.73
CA LEU A 113 0.16 8.34 2.95
C LEU A 113 0.32 9.35 4.08
N LEU A 114 0.91 10.50 3.77
CA LEU A 114 1.16 11.49 4.81
C LEU A 114 -0.15 12.03 5.38
N LYS A 115 -1.16 12.20 4.53
CA LYS A 115 -2.45 12.67 5.00
C LYS A 115 -3.11 11.62 5.88
N TYR A 116 -3.02 10.36 5.47
CA TYR A 116 -3.62 9.29 6.22
C TYR A 116 -3.06 9.20 7.63
N VAL A 117 -1.73 9.23 7.75
CA VAL A 117 -1.14 9.02 9.06
C VAL A 117 -1.29 10.25 9.94
N SER A 118 -1.44 11.41 9.31
CA SER A 118 -1.70 12.63 10.07
CA SER A 118 -1.70 12.63 10.08
C SER A 118 -3.09 12.58 10.69
N ASP A 119 -4.05 12.07 9.92
CA ASP A 119 -5.43 11.94 10.37
C ASP A 119 -5.65 10.77 11.35
N LYS A 120 -5.09 9.60 11.05
CA LYS A 120 -5.40 8.41 11.84
C LYS A 120 -4.37 8.12 12.94
N GLY A 121 -3.23 8.77 12.88
CA GLY A 121 -2.25 8.66 13.93
C GLY A 121 -0.95 7.99 13.54
N ALA A 122 0.12 8.36 14.23
CA ALA A 122 1.46 7.91 13.89
C ALA A 122 1.65 6.40 14.07
N GLU A 123 0.81 5.76 14.89
CA GLU A 123 0.91 4.32 15.11
C GLU A 123 0.74 3.53 13.81
N TRP A 124 0.05 4.13 12.85
CA TRP A 124 -0.17 3.48 11.54
C TRP A 124 1.10 3.51 10.67
N ILE A 125 2.07 4.34 11.01
CA ILE A 125 3.25 4.46 10.15
C ILE A 125 4.03 3.14 10.03
N PRO A 126 4.52 2.54 11.13
CA PRO A 126 5.25 1.28 10.94
C PRO A 126 4.38 0.16 10.33
N VAL A 127 3.10 0.18 10.63
CA VAL A 127 2.14 -0.78 10.09
C VAL A 127 2.10 -0.71 8.56
N LEU A 128 2.00 0.51 8.05
CA LEU A 128 1.95 0.70 6.60
C LEU A 128 3.31 0.45 5.94
N MET A 129 4.40 0.70 6.66
CA MET A 129 5.72 0.37 6.16
C MET A 129 5.91 -1.15 6.03
N ILE A 130 5.33 -1.90 6.97
CA ILE A 130 5.39 -3.35 6.88
C ILE A 130 4.61 -3.86 5.67
N GLN A 131 3.43 -3.29 5.39
CA GLN A 131 2.70 -3.62 4.17
C GLN A 131 3.54 -3.29 2.94
N LEU A 132 4.17 -2.12 2.97
CA LEU A 132 5.00 -1.71 1.84
C LEU A 132 6.12 -2.74 1.61
N LEU A 133 6.77 -3.16 2.70
CA LEU A 133 7.87 -4.12 2.60
C LEU A 133 7.40 -5.47 2.04
N SER A 134 6.20 -5.87 2.40
CA SER A 134 5.65 -7.13 1.87
CA SER A 134 5.63 -7.12 1.89
C SER A 134 5.47 -7.05 0.36
N SER A 135 4.97 -5.92 -0.11
CA SER A 135 4.82 -5.73 -1.54
C SER A 135 6.14 -5.61 -2.26
N LEU A 136 7.13 -4.96 -1.65
CA LEU A 136 8.40 -4.83 -2.31
C LEU A 136 9.05 -6.22 -2.42
N SER A 137 8.82 -7.08 -1.42
CA SER A 137 9.37 -8.42 -1.48
C SER A 137 8.85 -9.17 -2.72
N VAL A 138 7.55 -9.02 -3.00
CA VAL A 138 6.96 -9.57 -4.23
C VAL A 138 7.68 -9.08 -5.48
N LEU A 139 7.86 -7.76 -5.58
CA LEU A 139 8.50 -7.18 -6.75
C LEU A 139 9.93 -7.67 -6.89
N HIS A 140 10.66 -7.65 -5.79
CA HIS A 140 12.06 -8.03 -5.82
C HIS A 140 12.24 -9.47 -6.28
N GLN A 141 11.37 -10.36 -5.80
CA GLN A 141 11.46 -11.77 -6.17
C GLN A 141 11.17 -11.97 -7.66
N GLN A 142 10.52 -10.99 -8.28
CA GLN A 142 10.25 -11.05 -9.72
C GLN A 142 11.29 -10.28 -10.54
N GLY A 143 12.31 -9.76 -9.85
CA GLY A 143 13.43 -9.10 -10.53
C GLY A 143 13.24 -7.62 -10.80
N TRP A 144 12.29 -7.01 -10.10
CA TRP A 144 11.97 -5.60 -10.26
C TRP A 144 12.31 -4.82 -9.01
N ILE A 145 12.84 -3.62 -9.19
CA ILE A 145 13.23 -2.72 -8.10
C ILE A 145 12.39 -1.45 -8.27
N PHE A 146 11.74 -1.00 -7.21
CA PHE A 146 10.78 0.08 -7.40
C PHE A 146 11.49 1.36 -7.83
N GLY A 147 12.58 1.70 -7.17
CA GLY A 147 13.40 2.82 -7.58
C GLY A 147 12.89 4.16 -7.04
N ASP A 148 12.00 4.82 -7.79
CA ASP A 148 11.50 6.11 -7.35
C ASP A 148 10.33 5.94 -6.38
N LEU A 149 10.62 5.34 -5.24
CA LEU A 149 9.66 5.07 -4.18
C LEU A 149 9.58 6.29 -3.26
N LYS A 150 8.41 6.92 -3.18
CA LYS A 150 8.29 8.16 -2.42
C LYS A 150 6.83 8.36 -1.98
N PRO A 151 6.60 9.16 -0.93
CA PRO A 151 5.26 9.30 -0.35
C PRO A 151 4.19 9.86 -1.29
N ASP A 152 4.56 10.72 -2.24
CA ASP A 152 3.57 11.30 -3.15
C ASP A 152 3.00 10.26 -4.08
N ASN A 153 3.61 9.07 -4.09
CA ASN A 153 3.18 7.99 -4.94
C ASN A 153 2.47 6.88 -4.16
N LEU A 154 2.20 7.14 -2.88
CA LEU A 154 1.59 6.13 -2.02
C LEU A 154 0.32 6.68 -1.38
N ILE A 155 -0.79 5.97 -1.56
CA ILE A 155 -2.03 6.35 -0.90
C ILE A 155 -2.48 5.22 0.01
N VAL A 156 -3.44 5.50 0.89
CA VAL A 156 -3.96 4.47 1.77
C VAL A 156 -5.46 4.35 1.51
N THR A 157 -5.85 3.20 0.98
CA THR A 157 -7.27 2.96 0.72
C THR A 157 -7.86 2.24 1.90
N GLY A 158 -9.18 2.05 1.87
CA GLY A 158 -9.85 1.31 2.92
C GLY A 158 -11.05 2.05 3.46
N PRO A 159 -11.54 1.61 4.62
CA PRO A 159 -11.01 0.47 5.38
C PRO A 159 -11.32 -0.90 4.73
N PRO A 160 -10.52 -1.93 5.05
CA PRO A 160 -9.37 -1.87 5.96
C PRO A 160 -8.17 -1.17 5.31
N ALA A 161 -7.30 -0.61 6.15
CA ALA A 161 -6.16 0.19 5.68
C ALA A 161 -5.20 -0.62 4.84
N ARG A 162 -4.94 -0.12 3.64
CA ARG A 162 -4.03 -0.74 2.70
C ARG A 162 -3.21 0.31 2.02
N ILE A 163 -1.89 0.22 2.13
CA ILE A 163 -1.06 1.14 1.34
C ILE A 163 -1.10 0.69 -0.14
N ARG A 164 -1.21 1.65 -1.05
CA ARG A 164 -1.28 1.38 -2.48
C ARG A 164 -0.30 2.28 -3.23
N CYS A 165 0.27 1.80 -4.32
CA CYS A 165 1.10 2.70 -5.12
C CYS A 165 0.30 3.15 -6.34
N ILE A 166 0.42 4.42 -6.69
CA ILE A 166 -0.44 4.92 -7.75
C ILE A 166 0.28 5.06 -9.08
N ASP A 167 1.60 4.88 -9.09
CA ASP A 167 2.36 4.93 -10.32
C ASP A 167 3.61 4.09 -10.22
N VAL A 168 3.83 3.22 -11.20
CA VAL A 168 5.00 2.34 -11.18
C VAL A 168 6.05 2.79 -12.18
N GLY A 169 5.90 3.98 -12.74
CA GLY A 169 6.89 4.51 -13.66
C GLY A 169 8.27 4.54 -13.01
N GLY A 170 9.30 4.20 -13.77
CA GLY A 170 10.64 4.18 -13.14
C GLY A 170 11.01 2.93 -12.34
N THR A 171 10.08 1.98 -12.21
CA THR A 171 10.48 0.67 -11.72
C THR A 171 11.48 0.11 -12.73
N THR A 172 12.51 -0.55 -12.21
CA THR A 172 13.71 -0.86 -12.97
C THR A 172 14.10 -2.32 -12.76
N LYS A 173 14.61 -2.97 -13.81
CA LYS A 173 15.06 -4.35 -13.66
C LYS A 173 16.29 -4.42 -12.78
N GLU A 174 16.33 -5.43 -11.92
CA GLU A 174 17.44 -5.60 -10.99
C GLU A 174 18.76 -5.64 -11.76
N GLY A 175 19.75 -4.91 -11.27
CA GLY A 175 21.07 -4.92 -11.88
C GLY A 175 21.31 -3.70 -12.74
N ARG A 176 20.23 -3.13 -13.27
CA ARG A 176 20.36 -1.92 -14.07
C ARG A 176 20.50 -0.69 -13.20
N ALA A 177 20.70 0.45 -13.83
CA ALA A 177 20.89 1.68 -13.07
C ALA A 177 19.57 2.43 -12.90
N ILE A 178 19.30 2.87 -11.68
CA ILE A 178 18.12 3.67 -11.39
C ILE A 178 18.37 5.07 -11.92
N LYS A 179 17.47 5.57 -12.77
CA LYS A 179 17.66 6.89 -13.35
C LYS A 179 16.55 7.85 -12.94
N GLU A 180 15.48 7.29 -12.42
CA GLU A 180 14.36 8.07 -11.92
C GLU A 180 14.39 8.08 -10.40
N TYR A 181 14.76 9.21 -9.80
CA TYR A 181 14.84 9.27 -8.34
C TYR A 181 14.55 10.67 -7.77
N THR A 182 14.28 10.69 -6.47
CA THR A 182 13.97 11.92 -5.73
C THR A 182 14.98 12.03 -4.61
N GLU A 183 15.71 13.16 -4.54
CA GLU A 183 16.86 13.31 -3.65
C GLU A 183 16.64 12.79 -2.23
N PHE A 184 15.56 13.20 -1.59
CA PHE A 184 15.35 12.86 -0.18
C PHE A 184 15.28 11.35 0.05
N TYR A 185 14.85 10.61 -0.97
CA TYR A 185 14.64 9.17 -0.82
C TYR A 185 15.71 8.36 -1.51
N ASP A 186 16.78 9.05 -1.93
CA ASP A 186 17.82 8.49 -2.76
C ASP A 186 19.12 8.24 -2.00
N ARG A 187 19.52 6.97 -1.94
CA ARG A 187 20.74 6.53 -1.29
C ARG A 187 21.96 7.33 -1.75
N GLY A 188 22.01 7.64 -3.04
CA GLY A 188 23.17 8.31 -3.60
C GLY A 188 23.31 9.73 -3.11
N TYR A 189 22.18 10.44 -3.06
CA TYR A 189 22.15 11.81 -2.56
C TYR A 189 22.70 11.93 -1.14
N TRP A 190 22.33 10.97 -0.29
CA TRP A 190 22.72 10.99 1.11
C TRP A 190 24.14 10.49 1.35
N GLY A 191 24.79 10.00 0.29
CA GLY A 191 26.16 9.51 0.41
C GLY A 191 26.29 8.11 0.96
N TYR A 192 25.22 7.33 0.87
CA TYR A 192 25.16 6.01 1.47
C TYR A 192 25.29 4.86 0.47
N GLY A 193 25.54 5.17 -0.80
CA GLY A 193 25.69 4.10 -1.77
C GLY A 193 25.40 4.50 -3.20
N THR A 194 25.20 3.50 -4.04
CA THR A 194 25.04 3.69 -5.47
C THR A 194 23.58 3.75 -5.88
N ARG A 195 23.35 3.95 -7.17
CA ARG A 195 21.99 3.91 -7.69
C ARG A 195 21.76 2.63 -8.47
N LYS A 196 22.53 1.60 -8.15
CA LYS A 196 22.29 0.27 -8.70
C LYS A 196 20.92 -0.20 -8.27
N ALA A 197 20.12 -0.72 -9.21
CA ALA A 197 18.83 -1.28 -8.86
C ALA A 197 19.02 -2.61 -8.12
N GLU A 198 18.87 -2.58 -6.80
CA GLU A 198 18.94 -3.79 -6.00
C GLU A 198 18.01 -3.58 -4.82
N PRO A 199 17.58 -4.66 -4.15
CA PRO A 199 16.63 -4.48 -3.05
C PRO A 199 17.07 -3.44 -2.02
N SER A 200 18.35 -3.41 -1.68
CA SER A 200 18.80 -2.44 -0.67
C SER A 200 18.55 -0.99 -1.06
N TYR A 201 18.50 -0.68 -2.36
CA TYR A 201 18.18 0.68 -2.77
C TYR A 201 16.75 1.04 -2.31
N ASP A 202 15.81 0.14 -2.57
CA ASP A 202 14.43 0.36 -2.15
C ASP A 202 14.33 0.46 -0.64
N LEU A 203 15.13 -0.31 0.09
CA LEU A 203 15.01 -0.33 1.54
C LEU A 203 15.50 0.99 2.12
N PHE A 204 16.52 1.58 1.50
CA PHE A 204 16.95 2.91 1.92
C PHE A 204 15.77 3.89 1.79
N ALA A 205 15.07 3.83 0.66
CA ALA A 205 13.91 4.69 0.44
C ALA A 205 12.81 4.46 1.48
N VAL A 206 12.57 3.21 1.85
CA VAL A 206 11.56 2.93 2.88
C VAL A 206 11.90 3.63 4.19
N ALA A 207 13.17 3.56 4.59
CA ALA A 207 13.62 4.25 5.80
C ALA A 207 13.34 5.75 5.68
N MET A 208 13.63 6.34 4.53
CA MET A 208 13.41 7.78 4.36
C MET A 208 11.91 8.12 4.30
N ILE A 209 11.11 7.23 3.75
CA ILE A 209 9.66 7.41 3.79
C ILE A 209 9.13 7.40 5.23
N MET A 210 9.64 6.51 6.07
CA MET A 210 9.17 6.49 7.46
C MET A 210 9.58 7.78 8.16
N ILE A 211 10.81 8.24 7.89
CA ILE A 211 11.29 9.51 8.46
C ILE A 211 10.42 10.68 8.02
N ASN A 212 10.10 10.75 6.73
CA ASN A 212 9.20 11.78 6.21
C ASN A 212 7.81 11.71 6.84
N SER A 213 7.31 10.49 7.02
CA SER A 213 5.98 10.27 7.59
C SER A 213 5.87 10.81 9.01
N VAL A 214 6.96 10.67 9.76
CA VAL A 214 7.01 11.18 11.15
C VAL A 214 7.29 12.69 11.20
N HIS A 215 8.29 13.12 10.42
CA HIS A 215 8.79 14.49 10.45
C HIS A 215 7.90 15.47 9.68
N LYS A 216 7.13 14.93 8.74
CA LYS A 216 6.10 15.65 7.99
C LYS A 216 6.66 16.68 7.01
N LYS A 217 7.97 16.67 6.82
CA LYS A 217 8.59 17.48 5.80
C LYS A 217 9.89 16.86 5.33
N GLU A 218 10.33 17.28 4.15
CA GLU A 218 11.64 16.89 3.64
C GLU A 218 12.63 17.94 4.09
N PHE A 219 13.90 17.63 3.96
CA PHE A 219 14.94 18.62 4.24
C PHE A 219 16.19 18.26 3.45
N LYS A 220 17.08 19.23 3.29
CA LYS A 220 18.33 19.02 2.59
C LYS A 220 19.35 18.35 3.51
N LYS A 221 20.27 17.62 2.90
CA LYS A 221 21.41 17.11 3.64
C LYS A 221 22.31 18.26 4.09
N THR A 222 23.06 18.00 5.15
CA THR A 222 24.13 18.90 5.54
C THR A 222 25.47 18.27 5.26
N ASN A 223 26.53 18.91 5.72
CA ASN A 223 27.87 18.36 5.57
C ASN A 223 28.06 16.99 6.26
N GLN A 224 27.23 16.70 7.26
CA GLN A 224 27.34 15.44 7.98
C GLN A 224 26.00 14.69 7.95
N PRO A 225 25.67 14.12 6.79
CA PRO A 225 24.35 13.49 6.64
C PRO A 225 24.13 12.31 7.59
N LYS A 226 25.16 11.54 7.87
CA LYS A 226 24.99 10.38 8.72
C LYS A 226 24.63 10.80 10.15
N GLU A 227 25.26 11.85 10.64
CA GLU A 227 24.96 12.35 11.99
C GLU A 227 23.61 13.05 12.01
N GLN A 228 23.29 13.69 10.90
CA GLN A 228 22.03 14.37 10.70
C GLN A 228 20.86 13.39 10.83
N LEU A 229 20.96 12.27 10.11
CA LEU A 229 19.88 11.28 10.17
C LEU A 229 19.86 10.55 11.51
N ARG A 230 21.04 10.25 12.06
CA ARG A 230 21.13 9.60 13.35
C ARG A 230 20.44 10.44 14.42
N SER A 231 20.70 11.74 14.39
CA SER A 231 20.15 12.66 15.37
C SER A 231 18.63 12.72 15.29
N LEU A 232 18.12 12.80 14.07
CA LEU A 232 16.67 12.88 13.87
C LEU A 232 15.99 11.62 14.39
N ILE A 233 16.55 10.46 14.05
CA ILE A 233 15.95 9.19 14.44
C ILE A 233 15.94 9.05 15.96
N GLU A 234 17.10 9.29 16.57
CA GLU A 234 17.23 9.06 18.02
C GLU A 234 16.42 10.04 18.85
N GLY A 235 16.16 11.23 18.29
CA GLY A 235 15.42 12.26 18.99
C GLY A 235 13.92 12.17 18.91
N ASN A 236 13.41 11.18 18.19
CA ASN A 236 11.97 11.02 18.03
C ASN A 236 11.48 9.72 18.64
N PRO A 237 10.42 9.78 19.47
CA PRO A 237 10.03 8.56 20.19
C PRO A 237 9.69 7.39 19.25
N LEU A 238 8.97 7.66 18.17
CA LEU A 238 8.58 6.56 17.27
C LEU A 238 9.75 6.05 16.44
N LEU A 239 10.51 6.97 15.84
CA LEU A 239 11.66 6.55 15.05
C LEU A 239 12.68 5.83 15.92
N GLN A 240 12.87 6.30 17.16
CA GLN A 240 13.80 5.63 18.05
C GLN A 240 13.40 4.18 18.25
N LYS A 241 12.10 3.94 18.39
CA LYS A 241 11.58 2.60 18.62
C LYS A 241 11.96 1.64 17.49
N TYR A 242 12.02 2.20 16.28
CA TYR A 242 12.30 1.38 15.11
C TYR A 242 13.71 1.63 14.59
N LYS A 243 14.61 2.04 15.47
CA LYS A 243 15.93 2.47 15.00
C LYS A 243 16.76 1.30 14.45
N LYS A 244 16.54 0.09 14.94
CA LYS A 244 17.32 -1.02 14.39
C LYS A 244 17.00 -1.20 12.90
N ALA A 245 15.72 -1.28 12.56
CA ALA A 245 15.33 -1.40 11.15
C ALA A 245 15.79 -0.19 10.33
N LEU A 246 15.63 1.00 10.90
CA LEU A 246 15.90 2.22 10.17
C LEU A 246 17.41 2.36 9.93
N PHE A 247 18.23 2.16 10.97
CA PHE A 247 19.67 2.21 10.79
C PHE A 247 20.17 1.11 9.86
N SER A 248 19.61 -0.09 9.95
CA SER A 248 20.08 -1.15 9.07
C SER A 248 19.75 -0.85 7.60
N ALA A 249 18.59 -0.24 7.37
CA ALA A 249 18.19 0.14 6.01
C ALA A 249 19.08 1.28 5.48
N LEU A 250 19.40 2.23 6.35
CA LEU A 250 20.27 3.32 5.92
C LEU A 250 21.66 2.76 5.61
N ASN A 251 22.13 1.85 6.45
CA ASN A 251 23.53 1.41 6.37
C ASN A 251 23.81 0.28 5.37
N GLY A 252 22.77 -0.32 4.80
CA GLY A 252 22.98 -1.35 3.81
C GLY A 252 23.16 -2.73 4.41
N ASP A 253 22.67 -2.94 5.63
CA ASP A 253 22.81 -4.22 6.31
C ASP A 253 21.97 -5.34 5.70
N TYR A 254 20.91 -4.96 4.98
CA TYR A 254 19.95 -5.95 4.50
C TYR A 254 20.17 -6.37 3.05
N GLN A 255 19.87 -7.63 2.75
CA GLN A 255 19.86 -8.08 1.37
C GLN A 255 18.43 -8.22 0.82
N SER A 256 17.45 -8.27 1.72
CA SER A 256 16.08 -8.46 1.28
C SER A 256 15.07 -7.69 2.13
N ALA A 257 13.95 -7.33 1.53
CA ALA A 257 12.91 -6.60 2.24
C ALA A 257 12.40 -7.38 3.45
N ASP A 258 12.37 -8.71 3.35
CA ASP A 258 11.90 -9.55 4.46
C ASP A 258 12.72 -9.33 5.73
N GLU A 259 14.01 -9.03 5.57
CA GLU A 259 14.86 -8.82 6.76
C GLU A 259 14.49 -7.53 7.47
N MET A 260 14.20 -6.48 6.70
CA MET A 260 13.75 -5.24 7.30
C MET A 260 12.37 -5.45 7.94
N LYS A 261 11.52 -6.21 7.27
CA LYS A 261 10.18 -6.45 7.80
C LYS A 261 10.27 -7.16 9.15
N LYS A 262 11.15 -8.14 9.23
CA LYS A 262 11.33 -8.88 10.47
C LYS A 262 11.73 -7.94 11.63
N ASP A 263 12.71 -7.08 11.41
CA ASP A 263 13.12 -6.15 12.45
C ASP A 263 12.01 -5.18 12.84
N MET A 264 11.18 -4.77 11.89
CA MET A 264 10.07 -3.90 12.24
C MET A 264 8.99 -4.64 13.03
N LEU A 265 8.74 -5.89 12.65
CA LEU A 265 7.79 -6.72 13.38
C LEU A 265 8.28 -6.94 14.82
N ASP A 266 9.56 -7.27 14.98
CA ASP A 266 10.14 -7.47 16.31
C ASP A 266 10.05 -6.24 17.20
N ALA A 267 10.34 -5.06 16.66
CA ALA A 267 10.25 -3.84 17.45
C ALA A 267 8.82 -3.61 17.89
N GLY A 268 7.88 -3.91 17.01
CA GLY A 268 6.47 -3.76 17.35
C GLY A 268 6.06 -4.77 18.40
N GLN A 269 6.56 -6.00 18.28
CA GLN A 269 6.18 -7.07 19.20
C GLN A 269 6.57 -6.71 20.63
N LYS A 270 7.80 -6.19 20.78
CA LYS A 270 8.31 -5.80 22.09
C LYS A 270 7.35 -4.89 22.83
N ALA A 271 6.88 -3.84 22.15
CA ALA A 271 5.92 -2.93 22.75
C ALA A 271 4.58 -3.64 23.00
N ALA A 272 4.17 -4.49 22.06
CA ALA A 272 2.90 -5.21 22.15
C ALA A 272 2.97 -6.36 23.16
N GLN A 273 4.19 -6.76 23.52
CA GLN A 273 4.44 -7.84 24.49
C GLN A 273 3.67 -9.11 24.17
N PRO B 13 -28.10 -11.23 -1.87
CA PRO B 13 -28.69 -12.30 -2.66
C PRO B 13 -27.88 -13.60 -2.58
N GLU B 14 -27.53 -14.15 -3.74
CA GLU B 14 -26.63 -15.30 -3.81
C GLU B 14 -25.19 -14.84 -3.85
N LYS B 15 -25.00 -13.52 -3.82
CA LYS B 15 -23.66 -12.93 -3.73
C LYS B 15 -23.09 -13.19 -2.36
N VAL B 16 -23.93 -13.05 -1.34
CA VAL B 16 -23.51 -13.25 0.04
C VAL B 16 -23.03 -14.67 0.23
N GLU B 17 -23.75 -15.61 -0.35
CA GLU B 17 -23.35 -16.99 -0.24
C GLU B 17 -22.10 -17.24 -1.05
N MET B 18 -21.94 -16.53 -2.17
CA MET B 18 -20.75 -16.70 -2.99
C MET B 18 -19.54 -16.23 -2.19
N TYR B 19 -19.66 -15.09 -1.52
CA TYR B 19 -18.53 -14.54 -0.76
C TYR B 19 -18.24 -15.38 0.49
N ILE B 20 -19.27 -15.92 1.13
CA ILE B 20 -19.03 -16.82 2.26
C ILE B 20 -18.29 -18.08 1.78
N LYS B 21 -18.70 -18.62 0.64
CA LYS B 21 -17.97 -19.74 0.07
C LYS B 21 -16.55 -19.35 -0.36
N ASN B 22 -16.40 -18.12 -0.84
CA ASN B 22 -15.09 -17.65 -1.27
C ASN B 22 -14.10 -17.50 -0.12
N LEU B 23 -14.61 -17.41 1.10
CA LEU B 23 -13.72 -17.43 2.27
C LEU B 23 -12.97 -18.75 2.43
N GLN B 24 -13.39 -19.75 1.65
CA GLN B 24 -12.70 -21.04 1.63
C GLN B 24 -11.88 -21.26 0.36
N ASP B 25 -11.71 -20.21 -0.44
CA ASP B 25 -10.91 -20.27 -1.66
C ASP B 25 -9.43 -20.52 -1.36
N ASP B 26 -8.72 -21.18 -2.26
CA ASP B 26 -7.28 -21.38 -2.07
C ASP B 26 -6.49 -20.08 -2.12
N SER B 27 -7.02 -19.09 -2.84
CA SER B 27 -6.33 -17.81 -3.05
CA SER B 27 -6.32 -17.82 -3.03
C SER B 27 -6.63 -16.81 -1.94
N ALA B 28 -5.57 -16.31 -1.30
CA ALA B 28 -5.71 -15.29 -0.26
C ALA B 28 -6.30 -14.01 -0.82
N VAL B 29 -6.02 -13.70 -2.10
CA VAL B 29 -6.61 -12.53 -2.76
C VAL B 29 -8.14 -12.66 -2.77
N VAL B 30 -8.62 -13.86 -3.11
CA VAL B 30 -10.05 -14.11 -3.15
C VAL B 30 -10.68 -14.11 -1.75
N ARG B 31 -10.02 -14.74 -0.79
CA ARG B 31 -10.52 -14.74 0.59
C ARG B 31 -10.56 -13.35 1.17
N ASP B 32 -9.56 -12.54 0.85
CA ASP B 32 -9.48 -11.18 1.38
C ASP B 32 -10.63 -10.32 0.84
N TYR B 33 -10.83 -10.43 -0.47
CA TYR B 33 -11.88 -9.68 -1.15
C TYR B 33 -13.23 -10.07 -0.56
N ALA B 34 -13.42 -11.36 -0.32
CA ALA B 34 -14.68 -11.87 0.20
C ALA B 34 -14.95 -11.35 1.63
N ALA B 35 -13.91 -11.33 2.46
CA ALA B 35 -14.07 -10.86 3.84
C ALA B 35 -14.50 -9.41 3.84
N ALA B 36 -13.81 -8.60 3.04
CA ALA B 36 -14.13 -7.18 2.96
C ALA B 36 -15.54 -6.97 2.40
N ALA B 37 -15.89 -7.73 1.38
CA ALA B 37 -17.20 -7.61 0.74
C ALA B 37 -18.30 -7.91 1.74
N LEU B 38 -18.11 -8.98 2.52
CA LEU B 38 -19.10 -9.36 3.53
C LEU B 38 -19.25 -8.29 4.61
N GLY B 39 -18.18 -7.55 4.87
CA GLY B 39 -18.26 -6.47 5.84
C GLY B 39 -19.10 -5.32 5.31
N LYS B 40 -18.97 -5.04 4.02
CA LYS B 40 -19.75 -3.99 3.38
C LYS B 40 -21.22 -4.36 3.30
N ILE B 41 -21.49 -5.61 2.93
CA ILE B 41 -22.87 -6.09 2.81
C ILE B 41 -23.59 -6.02 4.16
N GLY B 42 -22.91 -6.43 5.23
CA GLY B 42 -23.43 -6.27 6.57
C GLY B 42 -24.40 -7.36 7.03
N ASP B 43 -24.48 -8.45 6.28
CA ASP B 43 -25.38 -9.55 6.60
C ASP B 43 -24.83 -10.33 7.81
N GLU B 44 -25.75 -10.85 8.62
CA GLU B 44 -25.41 -11.54 9.86
C GLU B 44 -24.88 -12.95 9.62
N ARG B 45 -25.27 -13.55 8.50
CA ARG B 45 -24.85 -14.91 8.17
C ARG B 45 -23.34 -15.01 8.02
N ALA B 46 -22.70 -13.87 7.81
CA ALA B 46 -21.26 -13.85 7.59
C ALA B 46 -20.44 -13.89 8.88
N VAL B 47 -21.09 -13.67 10.03
CA VAL B 47 -20.35 -13.51 11.28
C VAL B 47 -19.51 -14.73 11.66
N GLU B 48 -20.12 -15.91 11.68
CA GLU B 48 -19.36 -17.09 12.05
C GLU B 48 -18.27 -17.43 11.01
N PRO B 49 -18.60 -17.37 9.70
CA PRO B 49 -17.50 -17.53 8.72
C PRO B 49 -16.36 -16.51 8.91
N LEU B 50 -16.67 -15.25 9.21
CA LEU B 50 -15.62 -14.26 9.38
C LEU B 50 -14.81 -14.50 10.65
N ILE B 51 -15.45 -14.98 11.71
CA ILE B 51 -14.73 -15.31 12.94
C ILE B 51 -13.69 -16.39 12.66
N LYS B 52 -14.03 -17.34 11.79
CA LYS B 52 -13.08 -18.38 11.41
C LYS B 52 -11.93 -17.77 10.61
N ALA B 53 -12.24 -16.79 9.78
CA ALA B 53 -11.21 -16.17 8.95
C ALA B 53 -10.23 -15.32 9.78
N LEU B 54 -10.59 -15.04 11.03
CA LEU B 54 -9.66 -14.38 11.94
C LEU B 54 -8.43 -15.24 12.23
N LYS B 55 -8.52 -16.52 11.89
CA LYS B 55 -7.39 -17.41 12.06
C LYS B 55 -6.74 -17.80 10.74
N ASP B 56 -7.06 -17.06 9.68
CA ASP B 56 -6.45 -17.34 8.36
C ASP B 56 -4.93 -17.28 8.40
N GLU B 57 -4.28 -18.08 7.57
CA GLU B 57 -2.83 -18.02 7.44
C GLU B 57 -2.34 -16.67 6.90
N ASP B 58 -3.21 -15.94 6.20
CA ASP B 58 -2.81 -14.69 5.54
C ASP B 58 -3.19 -13.45 6.35
N GLU B 59 -2.24 -12.57 6.60
CA GLU B 59 -2.49 -11.43 7.48
C GLU B 59 -3.48 -10.42 6.90
N TYR B 60 -3.55 -10.33 5.57
CA TYR B 60 -4.50 -9.40 4.96
C TYR B 60 -5.92 -9.93 5.15
N VAL B 61 -6.08 -11.23 4.95
CA VAL B 61 -7.38 -11.84 5.18
C VAL B 61 -7.83 -11.63 6.64
N ARG B 62 -6.91 -11.79 7.58
CA ARG B 62 -7.25 -11.61 8.99
C ARG B 62 -7.65 -10.17 9.27
N GLN B 63 -6.93 -9.24 8.66
CA GLN B 63 -7.24 -7.83 8.83
C GLN B 63 -8.63 -7.50 8.27
N SER B 64 -8.92 -8.00 7.06
CA SER B 64 -10.24 -7.78 6.47
C SER B 64 -11.37 -8.40 7.31
N ALA B 65 -11.14 -9.59 7.85
CA ALA B 65 -12.15 -10.23 8.68
C ALA B 65 -12.38 -9.41 9.94
N ALA B 66 -11.30 -8.92 10.55
CA ALA B 66 -11.44 -8.11 11.76
C ALA B 66 -12.23 -6.84 11.49
N TRP B 67 -11.87 -6.13 10.43
CA TRP B 67 -12.62 -4.93 10.07
C TRP B 67 -14.09 -5.25 9.83
N ALA B 68 -14.35 -6.34 9.10
CA ALA B 68 -15.69 -6.70 8.69
C ALA B 68 -16.55 -7.00 9.91
N LEU B 69 -15.94 -7.66 10.89
CA LEU B 69 -16.66 -8.00 12.12
C LEU B 69 -17.04 -6.74 12.91
N GLY B 70 -16.14 -5.76 12.97
CA GLY B 70 -16.44 -4.49 13.61
C GLY B 70 -17.55 -3.77 12.88
N GLU B 71 -17.51 -3.82 11.55
CA GLU B 71 -18.50 -3.16 10.69
C GLU B 71 -19.91 -3.75 10.87
N ILE B 72 -19.98 -5.07 11.01
CA ILE B 72 -21.26 -5.73 11.26
C ILE B 72 -21.81 -5.43 12.66
N GLY B 73 -20.92 -5.39 13.65
CA GLY B 73 -21.30 -4.98 14.99
C GLY B 73 -21.94 -6.06 15.85
N ASP B 74 -21.96 -7.28 15.36
CA ASP B 74 -22.50 -8.43 16.09
C ASP B 74 -21.55 -8.79 17.23
N GLU B 75 -22.06 -8.88 18.46
CA GLU B 75 -21.18 -9.01 19.61
C GLU B 75 -20.57 -10.42 19.77
N ARG B 76 -20.97 -11.34 18.90
CA ARG B 76 -20.32 -12.65 18.86
C ARG B 76 -18.84 -12.49 18.51
N ALA B 77 -18.50 -11.39 17.86
CA ALA B 77 -17.12 -11.09 17.48
C ALA B 77 -16.26 -10.50 18.60
N VAL B 78 -16.85 -10.16 19.75
CA VAL B 78 -16.08 -9.43 20.76
C VAL B 78 -14.90 -10.26 21.30
N GLU B 79 -15.15 -11.48 21.77
CA GLU B 79 -14.02 -12.24 22.30
C GLU B 79 -13.01 -12.69 21.21
N PRO B 80 -13.48 -13.10 20.01
CA PRO B 80 -12.51 -13.35 18.92
C PRO B 80 -11.66 -12.13 18.57
N LEU B 81 -12.25 -10.95 18.55
CA LEU B 81 -11.47 -9.74 18.29
C LEU B 81 -10.48 -9.44 19.42
N ILE B 82 -10.84 -9.75 20.68
CA ILE B 82 -9.91 -9.53 21.77
C ILE B 82 -8.70 -10.46 21.62
N LYS B 83 -8.95 -11.68 21.17
CA LYS B 83 -7.86 -12.60 20.90
C LYS B 83 -6.97 -12.08 19.75
N ALA B 84 -7.58 -11.39 18.78
CA ALA B 84 -6.84 -10.82 17.65
C ALA B 84 -5.93 -9.66 18.07
N LEU B 85 -6.09 -9.16 19.29
CA LEU B 85 -5.18 -8.12 19.78
C LEU B 85 -3.80 -8.70 20.05
N LYS B 86 -3.71 -10.03 20.07
CA LYS B 86 -2.46 -10.72 20.27
C LYS B 86 -1.84 -11.13 18.93
N ASP B 87 -2.49 -10.75 17.82
CA ASP B 87 -1.98 -11.14 16.50
C ASP B 87 -0.55 -10.67 16.29
N GLU B 88 0.26 -11.50 15.65
CA GLU B 88 1.63 -11.13 15.31
C GLU B 88 1.68 -9.92 14.36
N ASP B 89 0.65 -9.78 13.53
CA ASP B 89 0.65 -8.71 12.53
C ASP B 89 0.02 -7.42 13.06
N PRO B 90 0.74 -6.29 12.96
CA PRO B 90 0.26 -5.06 13.60
C PRO B 90 -0.94 -4.42 12.88
N SER B 91 -1.11 -4.65 11.59
CA SER B 91 -2.32 -4.18 10.92
CA SER B 91 -2.32 -4.21 10.90
C SER B 91 -3.54 -4.90 11.48
N VAL B 92 -3.38 -6.18 11.83
CA VAL B 92 -4.47 -6.93 12.41
C VAL B 92 -4.77 -6.39 13.81
N ARG B 93 -3.73 -6.17 14.61
CA ARG B 93 -3.95 -5.64 15.97
C ARG B 93 -4.67 -4.31 15.97
N LEU B 94 -4.18 -3.35 15.18
CA LEU B 94 -4.81 -2.04 15.14
C LEU B 94 -6.24 -2.13 14.60
N THR B 95 -6.45 -2.99 13.61
CA THR B 95 -7.75 -3.09 13.00
C THR B 95 -8.72 -3.76 13.97
N ALA B 96 -8.23 -4.76 14.71
CA ALA B 96 -9.06 -5.39 15.72
C ALA B 96 -9.40 -4.42 16.85
N ALA B 97 -8.41 -3.64 17.30
CA ALA B 97 -8.66 -2.64 18.35
C ALA B 97 -9.72 -1.65 17.88
N GLU B 98 -9.61 -1.25 16.62
CA GLU B 98 -10.57 -0.35 16.00
C GLU B 98 -11.96 -0.99 15.90
N ALA B 99 -11.99 -2.28 15.58
CA ALA B 99 -13.25 -3.01 15.47
C ALA B 99 -13.99 -3.10 16.81
N LEU B 100 -13.25 -3.27 17.90
CA LEU B 100 -13.86 -3.35 19.22
C LEU B 100 -14.50 -2.00 19.55
N GLY B 101 -13.81 -0.93 19.17
CA GLY B 101 -14.32 0.43 19.31
C GLY B 101 -15.58 0.65 18.52
N GLN B 102 -15.63 0.10 17.31
CA GLN B 102 -16.80 0.22 16.44
C GLN B 102 -17.99 -0.51 17.00
N ILE B 103 -17.75 -1.67 17.60
CA ILE B 103 -18.83 -2.43 18.20
C ILE B 103 -19.27 -1.71 19.48
N GLY B 104 -18.31 -1.34 20.32
CA GLY B 104 -18.57 -0.57 21.52
C GLY B 104 -19.58 -1.19 22.46
N GLY B 105 -20.12 -0.38 23.38
CA GLY B 105 -21.18 -0.83 24.26
C GLY B 105 -20.66 -1.38 25.56
N GLU B 106 -21.58 -1.81 26.42
CA GLU B 106 -21.22 -2.17 27.79
C GLU B 106 -20.45 -3.49 27.87
N ARG B 107 -20.79 -4.46 27.02
CA ARG B 107 -20.10 -5.73 27.02
C ARG B 107 -18.62 -5.55 26.65
N VAL B 108 -18.34 -4.70 25.67
CA VAL B 108 -16.96 -4.41 25.33
C VAL B 108 -16.26 -3.72 26.49
N ARG B 109 -16.90 -2.72 27.08
CA ARG B 109 -16.33 -2.02 28.24
C ARG B 109 -16.08 -3.01 29.37
N ALA B 110 -17.00 -3.95 29.54
CA ALA B 110 -16.88 -4.99 30.55
C ALA B 110 -15.62 -5.80 30.30
N ALA B 111 -15.40 -6.15 29.03
CA ALA B 111 -14.26 -6.97 28.64
C ALA B 111 -12.96 -6.19 28.75
N MET B 112 -13.00 -4.90 28.39
CA MET B 112 -11.84 -4.04 28.53
C MET B 112 -11.43 -3.89 29.99
N GLU B 113 -12.43 -3.69 30.85
CA GLU B 113 -12.21 -3.62 32.29
C GLU B 113 -11.43 -4.84 32.77
N LYS B 114 -11.88 -6.02 32.36
CA LYS B 114 -11.18 -7.27 32.69
C LYS B 114 -9.80 -7.27 32.06
N LEU B 115 -9.73 -6.84 30.80
CA LEU B 115 -8.50 -6.85 30.02
C LEU B 115 -7.47 -5.89 30.61
N ALA B 116 -7.92 -4.72 31.03
CA ALA B 116 -7.04 -3.74 31.65
C ALA B 116 -6.46 -4.29 32.94
N GLU B 117 -7.21 -5.18 33.58
CA GLU B 117 -6.79 -5.82 34.81
C GLU B 117 -5.85 -7.00 34.55
N THR B 118 -6.33 -7.99 33.81
CA THR B 118 -5.57 -9.23 33.66
C THR B 118 -4.95 -9.40 32.27
N GLY B 119 -4.60 -8.28 31.64
CA GLY B 119 -3.99 -8.34 30.32
C GLY B 119 -2.55 -7.88 30.34
N THR B 120 -1.94 -7.82 29.17
CA THR B 120 -0.57 -7.33 29.06
C THR B 120 -0.31 -6.73 27.68
N GLY B 121 0.76 -5.93 27.58
CA GLY B 121 1.20 -5.38 26.32
C GLY B 121 0.17 -4.53 25.60
N PHE B 122 0.07 -4.74 24.28
CA PHE B 122 -0.84 -3.98 23.44
C PHE B 122 -2.29 -4.14 23.89
N ALA B 123 -2.70 -5.37 24.17
CA ALA B 123 -4.07 -5.65 24.56
C ALA B 123 -4.44 -4.85 25.80
N ARG B 124 -3.50 -4.76 26.73
CA ARG B 124 -3.73 -3.97 27.93
C ARG B 124 -3.82 -2.50 27.60
N LYS B 125 -2.91 -2.01 26.77
CA LYS B 125 -2.93 -0.61 26.36
C LYS B 125 -4.27 -0.27 25.72
N VAL B 126 -4.78 -1.17 24.87
CA VAL B 126 -6.06 -0.97 24.22
C VAL B 126 -7.20 -0.87 25.23
N ALA B 127 -7.17 -1.76 26.21
CA ALA B 127 -8.19 -1.77 27.26
C ALA B 127 -8.13 -0.49 28.07
N VAL B 128 -6.94 -0.15 28.54
CA VAL B 128 -6.73 1.05 29.35
C VAL B 128 -7.17 2.32 28.61
N ASN B 129 -6.82 2.41 27.32
CA ASN B 129 -7.21 3.58 26.55
C ASN B 129 -8.69 3.56 26.16
N TYR B 130 -9.27 2.36 26.04
CA TYR B 130 -10.69 2.28 25.79
C TYR B 130 -11.47 2.81 26.99
N LEU B 131 -11.04 2.42 28.18
CA LEU B 131 -11.75 2.81 29.39
C LEU B 131 -11.60 4.31 29.64
N GLU B 132 -10.48 4.88 29.24
CA GLU B 132 -10.23 6.31 29.45
C GLU B 132 -11.07 7.16 28.50
N THR B 133 -11.48 6.59 27.37
CA THR B 133 -12.24 7.33 26.38
C THR B 133 -13.74 7.04 26.48
N HIS B 134 -14.14 6.38 27.56
CA HIS B 134 -15.56 6.09 27.80
C HIS B 134 -15.92 6.35 29.26
#